data_2RRR
#
_entry.id   2RRR
#
loop_
_entity.id
_entity.type
_entity.pdbx_description
1 polymer "DNA (5'-D(*CP*CP*TP*TP*CP*AP*TP*TP*AP*CP*AP*TP*CP*C)-3')"
2 polymer "DNA (5'-D(*GP*GP*AP*TP*GP*TP*AP*AP*TP*GP*AP*AP*GP*G)-3')"
#
loop_
_entity_poly.entity_id
_entity_poly.type
_entity_poly.pdbx_seq_one_letter_code
_entity_poly.pdbx_strand_id
1 'polydeoxyribonucleotide' (DC)(DC)(DT)(DT)(DC)(DA)(DT)(DT)(DA)(DC)(DA)(DT)(DC)(DC) A
2 'polydeoxyribonucleotide' (DG)(DG)(DA)(DT)(DG)(DT)(DA)(DA)(DT)(DG)(DA)(DA)(DG)(DG) B
#
loop_
_chem_comp.id
_chem_comp.type
_chem_comp.name
_chem_comp.formula
DA DNA linking 2'-DEOXYADENOSINE-5'-MONOPHOSPHATE 'C10 H14 N5 O6 P'
DC DNA linking 2'-DEOXYCYTIDINE-5'-MONOPHOSPHATE 'C9 H14 N3 O7 P'
DG DNA linking 2'-DEOXYGUANOSINE-5'-MONOPHOSPHATE 'C10 H14 N5 O7 P'
DT DNA linking THYMIDINE-5'-MONOPHOSPHATE 'C10 H15 N2 O8 P'
#